data_2GTA
#
_entry.id   2GTA
#
_cell.length_a   72.747
_cell.length_b   79.694
_cell.length_c   119.568
_cell.angle_alpha   90.00
_cell.angle_beta   90.00
_cell.angle_gamma   90.00
#
_symmetry.space_group_name_H-M   'P 21 21 21'
#
loop_
_entity.id
_entity.type
_entity.pdbx_description
1 polymer 'Hypothetical protein ypjD'
2 non-polymer 'SODIUM ION'
3 water water
#
_entity_poly.entity_id   1
_entity_poly.type   'polypeptide(L)'
_entity_poly.pdbx_seq_one_letter_code
;(MSE)SDKT(MSE)KDIQAEVDRYIGQFKEGYFSPLA(MSE)(MSE)ARLTEELGELAREVNHRYGEKPKKATEDDKS
(MSE)EEEIGDVLFVLVCLANSLDISLEEAHDRV(MSE)HKFNTRDKDRWTRKEEGKLEHHHHHH
;
_entity_poly.pdbx_strand_id   A,B,C,D
#
# COMPACT_ATOMS: atom_id res chain seq x y z
N SER A 2 -8.97 -35.23 1.44
CA SER A 2 -7.87 -34.25 1.48
C SER A 2 -8.20 -32.86 0.92
N ASP A 3 -7.54 -31.84 1.50
CA ASP A 3 -7.72 -30.42 1.14
C ASP A 3 -6.57 -29.93 0.24
N LYS A 4 -6.62 -28.66 -0.16
CA LYS A 4 -5.60 -28.08 -1.05
C LYS A 4 -4.26 -27.68 -0.42
N THR A 5 -3.18 -28.05 -1.09
CA THR A 5 -1.84 -27.72 -0.62
C THR A 5 -1.40 -26.40 -1.24
N LYS A 7 1.41 -25.80 -2.54
CA LYS A 7 2.13 -26.12 -3.77
C LYS A 7 1.15 -26.30 -4.92
N ASP A 8 0.01 -26.93 -4.63
CA ASP A 8 -1.01 -27.15 -5.64
C ASP A 8 -1.64 -25.83 -6.07
N ILE A 9 -1.82 -24.92 -5.11
CA ILE A 9 -2.40 -23.62 -5.44
C ILE A 9 -1.45 -22.88 -6.38
N GLN A 10 -0.15 -22.95 -6.09
CA GLN A 10 0.82 -22.29 -6.96
C GLN A 10 0.76 -22.96 -8.33
N ALA A 11 0.71 -24.27 -8.34
CA ALA A 11 0.65 -25.01 -9.59
C ALA A 11 -0.61 -24.66 -10.37
N GLU A 12 -1.75 -24.63 -9.67
CA GLU A 12 -3.02 -24.33 -10.31
C GLU A 12 -2.93 -23.00 -11.05
N VAL A 13 -2.36 -22.00 -10.38
CA VAL A 13 -2.22 -20.68 -10.96
C VAL A 13 -1.34 -20.75 -12.21
N ASP A 14 -0.19 -21.39 -12.09
CA ASP A 14 0.75 -21.52 -13.21
C ASP A 14 0.15 -22.19 -14.45
N ARG A 15 -0.71 -23.19 -14.25
CA ARG A 15 -1.35 -23.90 -15.38
C ARG A 15 -2.33 -22.95 -16.03
N TYR A 16 -2.88 -22.06 -15.24
CA TYR A 16 -3.82 -21.06 -15.71
C TYR A 16 -3.07 -20.02 -16.56
N ILE A 17 -2.03 -19.42 -15.97
CA ILE A 17 -1.24 -18.42 -16.65
C ILE A 17 -0.52 -19.00 -17.88
N GLY A 18 -0.19 -20.29 -17.81
CA GLY A 18 0.51 -20.95 -18.90
C GLY A 18 -0.28 -21.13 -20.19
N GLN A 19 -1.57 -20.85 -20.18
CA GLN A 19 -2.36 -20.99 -21.40
C GLN A 19 -2.48 -19.66 -22.14
N PHE A 20 -1.72 -18.68 -21.68
CA PHE A 20 -1.68 -17.35 -22.28
C PHE A 20 -0.29 -17.23 -22.90
N LYS A 21 -0.20 -16.70 -24.11
CA LYS A 21 1.10 -16.55 -24.76
C LYS A 21 1.96 -15.54 -24.00
N GLU A 22 1.32 -14.49 -23.52
CA GLU A 22 1.98 -13.43 -22.77
C GLU A 22 2.73 -13.95 -21.54
N GLY A 23 2.12 -14.89 -20.82
CA GLY A 23 2.75 -15.44 -19.64
C GLY A 23 2.66 -14.53 -18.43
N TYR A 24 3.70 -14.56 -17.59
CA TYR A 24 3.73 -13.74 -16.39
C TYR A 24 4.14 -12.29 -16.69
N PHE A 25 4.02 -11.43 -15.69
CA PHE A 25 4.40 -10.02 -15.82
C PHE A 25 5.84 -9.87 -15.33
N SER A 26 6.42 -8.71 -15.54
CA SER A 26 7.77 -8.46 -15.06
C SER A 26 7.62 -8.11 -13.60
N PRO A 27 8.69 -8.25 -12.80
CA PRO A 27 8.59 -7.93 -11.38
C PRO A 27 8.00 -6.55 -11.05
N LEU A 28 8.45 -5.49 -11.73
CA LEU A 28 7.94 -4.15 -11.48
C LEU A 28 6.49 -3.94 -11.93
N ALA A 29 6.09 -4.65 -12.97
CA ALA A 29 4.71 -4.53 -13.46
C ALA A 29 3.85 -5.33 -12.51
N ALA A 32 3.11 -3.29 -9.35
CA ALA A 32 2.05 -2.29 -9.46
C ALA A 32 0.72 -3.01 -9.44
N ARG A 33 0.73 -4.20 -10.03
CA ARG A 33 -0.44 -5.08 -10.11
C ARG A 33 -0.89 -5.43 -8.69
N LEU A 34 0.09 -5.72 -7.84
CA LEU A 34 -0.15 -6.10 -6.46
C LEU A 34 -0.68 -4.93 -5.62
N THR A 35 -0.04 -3.77 -5.70
CA THR A 35 -0.49 -2.64 -4.90
C THR A 35 -1.85 -2.16 -5.40
N GLU A 36 -2.28 -2.64 -6.54
CA GLU A 36 -3.58 -2.23 -7.05
C GLU A 36 -4.64 -3.02 -6.30
N GLU A 37 -4.49 -4.34 -6.27
CA GLU A 37 -5.46 -5.17 -5.58
C GLU A 37 -5.44 -4.96 -4.06
N LEU A 38 -4.28 -4.55 -3.54
CA LEU A 38 -4.18 -4.29 -2.12
C LEU A 38 -5.10 -3.10 -1.83
N GLY A 39 -4.98 -2.06 -2.64
CA GLY A 39 -5.82 -0.89 -2.46
C GLY A 39 -7.30 -1.22 -2.43
N GLU A 40 -7.74 -2.18 -3.24
CA GLU A 40 -9.15 -2.54 -3.25
C GLU A 40 -9.48 -3.22 -1.92
N LEU A 41 -8.56 -4.08 -1.48
CA LEU A 41 -8.72 -4.78 -0.23
C LEU A 41 -8.82 -3.72 0.89
N ALA A 42 -7.98 -2.71 0.78
CA ALA A 42 -7.94 -1.64 1.76
C ALA A 42 -9.24 -0.84 1.76
N ARG A 43 -9.75 -0.55 0.57
CA ARG A 43 -10.99 0.18 0.43
C ARG A 43 -12.12 -0.58 1.12
N GLU A 44 -12.19 -1.89 0.87
CA GLU A 44 -13.22 -2.75 1.44
C GLU A 44 -13.20 -2.78 2.97
N VAL A 45 -12.03 -3.06 3.57
CA VAL A 45 -11.95 -3.12 5.01
C VAL A 45 -12.22 -1.77 5.61
N ASN A 46 -11.89 -0.71 4.90
CA ASN A 46 -12.16 0.58 5.46
C ASN A 46 -13.67 0.78 5.50
N HIS A 47 -14.39 0.09 4.61
CA HIS A 47 -15.85 0.20 4.60
C HIS A 47 -16.48 -0.71 5.64
N ARG A 48 -16.07 -1.98 5.67
CA ARG A 48 -16.62 -2.93 6.62
C ARG A 48 -16.23 -2.72 8.07
N TYR A 49 -14.94 -2.53 8.33
CA TYR A 49 -14.48 -2.32 9.71
C TYR A 49 -13.80 -0.98 9.89
N GLY A 50 -13.75 -0.20 8.82
CA GLY A 50 -13.06 1.08 8.88
C GLY A 50 -13.95 2.27 9.16
N GLU A 51 -13.57 3.44 8.65
CA GLU A 51 -14.34 4.66 8.86
C GLU A 51 -15.11 5.21 7.65
N LYS A 52 -15.12 4.49 6.53
CA LYS A 52 -15.90 4.95 5.37
C LYS A 52 -17.32 4.48 5.71
N PRO A 53 -18.33 5.00 5.00
CA PRO A 53 -19.69 4.56 5.32
C PRO A 53 -19.96 3.06 5.20
N LYS A 54 -20.70 2.52 6.17
CA LYS A 54 -21.05 1.09 6.18
C LYS A 54 -21.90 0.84 4.94
N LYS A 55 -21.58 -0.23 4.21
CA LYS A 55 -22.31 -0.60 3.01
C LYS A 55 -23.80 -0.83 3.31
N ALA A 56 -24.62 -0.73 2.28
CA ALA A 56 -26.06 -0.96 2.42
C ALA A 56 -26.24 -2.46 2.24
N THR A 57 -25.51 -2.97 1.24
CA THR A 57 -25.51 -4.38 0.88
C THR A 57 -25.23 -5.28 2.07
N GLU A 58 -26.04 -6.34 2.21
CA GLU A 58 -25.87 -7.25 3.32
C GLU A 58 -24.50 -7.95 3.19
N ASP A 59 -24.09 -8.61 4.28
CA ASP A 59 -22.82 -9.35 4.34
C ASP A 59 -22.74 -10.30 3.16
N ASP A 60 -21.60 -10.27 2.47
CA ASP A 60 -21.37 -11.12 1.31
C ASP A 60 -20.06 -11.89 1.41
N LYS A 61 -19.44 -12.09 0.25
CA LYS A 61 -18.17 -12.79 0.15
C LYS A 61 -17.17 -11.79 -0.46
N SER A 62 -17.52 -10.51 -0.35
CA SER A 62 -16.67 -9.44 -0.87
C SER A 62 -15.30 -9.47 -0.22
N GLU A 64 -13.73 -11.91 1.05
CA GLU A 64 -12.95 -13.05 0.60
C GLU A 64 -12.41 -12.89 -0.81
N GLU A 65 -13.22 -12.33 -1.70
CA GLU A 65 -12.76 -12.12 -3.05
C GLU A 65 -11.62 -11.09 -3.03
N GLU A 66 -11.79 -10.03 -2.25
CA GLU A 66 -10.76 -8.99 -2.19
C GLU A 66 -9.46 -9.53 -1.59
N ILE A 67 -9.53 -10.59 -0.78
CA ILE A 67 -8.33 -11.15 -0.18
C ILE A 67 -7.78 -12.18 -1.14
N GLY A 68 -8.68 -12.84 -1.85
CA GLY A 68 -8.26 -13.84 -2.80
C GLY A 68 -7.52 -13.23 -3.98
N ASP A 69 -7.78 -11.96 -4.24
CA ASP A 69 -7.10 -11.30 -5.34
C ASP A 69 -5.66 -11.01 -4.96
N VAL A 70 -5.45 -10.51 -3.74
CA VAL A 70 -4.09 -10.21 -3.30
C VAL A 70 -3.31 -11.52 -3.26
N LEU A 71 -3.93 -12.56 -2.74
CA LEU A 71 -3.29 -13.86 -2.63
C LEU A 71 -2.97 -14.33 -4.04
N PHE A 72 -3.87 -14.11 -4.98
CA PHE A 72 -3.60 -14.53 -6.36
C PHE A 72 -2.35 -13.84 -6.87
N VAL A 73 -2.41 -12.52 -6.97
CA VAL A 73 -1.28 -11.74 -7.46
C VAL A 73 0.03 -12.11 -6.78
N LEU A 74 -0.04 -12.34 -5.48
CA LEU A 74 1.16 -12.69 -4.71
C LEU A 74 1.68 -14.04 -5.19
N VAL A 75 0.77 -14.96 -5.48
CA VAL A 75 1.13 -16.28 -5.95
C VAL A 75 1.75 -16.13 -7.34
N CYS A 76 1.17 -15.26 -8.16
CA CYS A 76 1.68 -15.03 -9.51
C CYS A 76 3.13 -14.53 -9.43
N LEU A 77 3.36 -13.55 -8.56
CA LEU A 77 4.69 -13.00 -8.38
C LEU A 77 5.63 -14.05 -7.81
N ALA A 78 5.10 -15.03 -7.09
CA ALA A 78 5.95 -16.06 -6.52
C ALA A 78 6.34 -17.09 -7.57
N ASN A 79 5.38 -17.56 -8.35
CA ASN A 79 5.71 -18.56 -9.39
C ASN A 79 6.71 -17.95 -10.37
N SER A 80 6.40 -16.75 -10.86
CA SER A 80 7.24 -16.05 -11.81
C SER A 80 8.70 -15.95 -11.40
N LEU A 81 8.98 -16.17 -10.12
CA LEU A 81 10.37 -16.10 -9.66
C LEU A 81 10.79 -17.45 -9.07
N ASP A 82 10.09 -18.50 -9.46
CA ASP A 82 10.40 -19.85 -9.00
C ASP A 82 10.52 -19.94 -7.47
N ILE A 83 9.73 -19.14 -6.78
CA ILE A 83 9.76 -19.15 -5.32
C ILE A 83 8.58 -19.93 -4.75
N SER A 84 8.89 -20.78 -3.77
CA SER A 84 7.88 -21.60 -3.10
C SER A 84 7.32 -20.90 -1.87
N LEU A 85 6.05 -20.54 -1.93
CA LEU A 85 5.42 -19.90 -0.81
C LEU A 85 5.44 -20.79 0.44
N GLU A 86 5.23 -22.10 0.27
CA GLU A 86 5.24 -23.01 1.41
C GLU A 86 6.56 -22.84 2.15
N GLU A 87 7.65 -22.83 1.37
CA GLU A 87 8.99 -22.70 1.91
C GLU A 87 9.23 -21.34 2.51
N ALA A 88 8.67 -20.31 1.88
CA ALA A 88 8.83 -18.94 2.38
C ALA A 88 8.12 -18.83 3.73
N HIS A 89 7.03 -19.58 3.86
CA HIS A 89 6.26 -19.59 5.09
C HIS A 89 7.09 -20.16 6.22
N ASP A 90 7.79 -21.26 5.96
CA ASP A 90 8.62 -21.87 6.99
C ASP A 90 9.67 -20.90 7.50
N ARG A 91 10.11 -20.00 6.63
CA ARG A 91 11.12 -19.01 7.00
C ARG A 91 10.64 -18.16 8.16
N VAL A 92 9.54 -17.43 7.95
CA VAL A 92 9.01 -16.59 9.00
C VAL A 92 8.69 -17.42 10.22
N HIS A 94 10.21 -19.57 11.36
CA HIS A 94 11.46 -20.01 11.94
C HIS A 94 12.09 -18.82 12.63
N LYS A 95 12.27 -17.72 11.90
CA LYS A 95 12.86 -16.54 12.50
C LYS A 95 11.97 -15.99 13.63
N PHE A 96 10.69 -16.33 13.62
CA PHE A 96 9.77 -15.87 14.68
C PHE A 96 9.89 -16.75 15.90
N ASN A 97 9.01 -17.74 16.04
CA ASN A 97 9.08 -18.61 17.20
C ASN A 97 10.25 -19.60 17.14
N THR A 98 11.46 -19.05 16.98
CA THR A 98 12.68 -19.84 16.91
C THR A 98 12.81 -20.68 18.17
N SER B 2 6.08 35.21 0.85
CA SER B 2 7.20 34.40 0.40
C SER B 2 7.01 32.90 0.64
N ASP B 3 5.77 32.48 0.92
CA ASP B 3 5.50 31.06 1.16
C ASP B 3 5.71 30.29 -0.13
N LYS B 4 6.30 29.11 -0.03
CA LYS B 4 6.58 28.28 -1.19
C LYS B 4 5.30 27.83 -1.88
N THR B 5 5.19 28.11 -3.17
CA THR B 5 4.00 27.72 -3.93
C THR B 5 4.11 26.24 -4.23
N LYS B 7 3.67 25.08 -7.49
CA LYS B 7 4.34 25.12 -8.79
C LYS B 7 5.87 25.17 -8.68
N ASP B 8 6.39 25.76 -7.62
CA ASP B 8 7.83 25.82 -7.48
C ASP B 8 8.41 24.70 -6.65
N ILE B 9 7.57 23.96 -5.95
CA ILE B 9 8.09 22.83 -5.18
C ILE B 9 8.41 21.79 -6.22
N GLN B 10 7.56 21.66 -7.23
CA GLN B 10 7.83 20.71 -8.29
C GLN B 10 9.09 21.24 -8.96
N ALA B 11 9.14 22.56 -9.14
CA ALA B 11 10.29 23.22 -9.76
C ALA B 11 11.59 22.99 -8.99
N GLU B 12 11.58 23.23 -7.69
CA GLU B 12 12.79 23.02 -6.91
C GLU B 12 13.27 21.58 -7.09
N VAL B 13 12.33 20.66 -7.19
CA VAL B 13 12.67 19.24 -7.35
C VAL B 13 13.24 18.96 -8.75
N ASP B 14 12.57 19.45 -9.79
CA ASP B 14 13.04 19.22 -11.16
C ASP B 14 14.48 19.69 -11.32
N ARG B 15 14.82 20.76 -10.59
CA ARG B 15 16.17 21.31 -10.63
C ARG B 15 17.15 20.37 -9.94
N TYR B 16 16.74 19.83 -8.80
CA TYR B 16 17.58 18.90 -8.06
C TYR B 16 17.85 17.62 -8.86
N ILE B 17 16.86 17.23 -9.66
CA ILE B 17 16.95 16.03 -10.48
C ILE B 17 17.86 16.22 -11.70
N GLY B 18 17.76 17.40 -12.33
CA GLY B 18 18.56 17.70 -13.52
C GLY B 18 20.05 17.82 -13.21
N GLN B 19 20.43 17.50 -11.99
CA GLN B 19 21.83 17.55 -11.60
C GLN B 19 22.42 16.21 -12.00
N PHE B 20 21.90 15.15 -11.40
CA PHE B 20 22.38 13.79 -11.68
C PHE B 20 22.34 13.42 -13.17
N LYS B 21 21.56 14.18 -13.94
CA LYS B 21 21.43 13.97 -15.39
C LYS B 21 21.26 12.54 -15.91
N GLU B 22 20.56 11.72 -15.15
CA GLU B 22 20.23 10.35 -15.53
C GLU B 22 18.71 10.21 -15.66
N GLY B 23 18.04 11.36 -15.68
CA GLY B 23 16.59 11.40 -15.82
C GLY B 23 15.76 10.97 -14.59
N TYR B 24 14.43 11.12 -14.63
CA TYR B 24 13.57 10.67 -13.53
C TYR B 24 13.50 9.16 -13.75
N PHE B 25 12.90 8.44 -12.80
CA PHE B 25 12.72 6.99 -12.88
C PHE B 25 11.54 6.70 -13.79
N SER B 26 11.48 5.47 -14.29
CA SER B 26 10.38 5.06 -15.15
C SER B 26 9.10 4.98 -14.29
N PRO B 27 7.92 5.28 -14.89
CA PRO B 27 6.67 5.23 -14.14
C PRO B 27 6.49 4.00 -13.22
N LEU B 28 6.87 2.82 -13.70
CA LEU B 28 6.72 1.63 -12.89
C LEU B 28 7.79 1.51 -11.83
N ALA B 29 8.98 2.03 -12.13
CA ALA B 29 10.06 1.97 -11.15
C ALA B 29 9.72 3.01 -10.10
N ALA B 32 6.97 1.74 -7.80
CA ALA B 32 7.57 0.85 -6.81
C ALA B 32 8.17 1.69 -5.69
N ARG B 33 8.91 2.72 -6.07
CA ARG B 33 9.55 3.62 -5.14
C ARG B 33 8.50 4.29 -4.26
N LEU B 34 7.36 4.63 -4.85
CA LEU B 34 6.28 5.28 -4.10
C LEU B 34 5.76 4.33 -3.02
N THR B 35 5.26 3.16 -3.41
CA THR B 35 4.72 2.21 -2.43
C THR B 35 5.75 1.88 -1.35
N GLU B 36 7.03 2.07 -1.67
CA GLU B 36 8.08 1.78 -0.70
C GLU B 36 8.05 2.78 0.45
N GLU B 37 7.95 4.06 0.10
CA GLU B 37 7.91 5.12 1.08
C GLU B 37 6.57 5.10 1.82
N LEU B 38 5.51 4.76 1.11
CA LEU B 38 4.18 4.70 1.69
C LEU B 38 4.12 3.70 2.85
N GLY B 39 4.63 2.50 2.60
CA GLY B 39 4.63 1.50 3.66
C GLY B 39 5.60 1.88 4.75
N GLU B 40 6.48 2.81 4.44
CA GLU B 40 7.46 3.27 5.40
C GLU B 40 6.69 4.23 6.29
N LEU B 41 5.79 4.95 5.67
CA LEU B 41 4.95 5.90 6.38
C LEU B 41 3.98 5.08 7.22
N ALA B 42 3.51 3.97 6.66
CA ALA B 42 2.57 3.08 7.35
C ALA B 42 3.17 2.54 8.62
N ARG B 43 4.46 2.27 8.58
CA ARG B 43 5.20 1.76 9.74
C ARG B 43 5.10 2.74 10.91
N GLU B 44 5.33 4.03 10.65
CA GLU B 44 5.26 5.06 11.69
C GLU B 44 3.86 5.24 12.28
N VAL B 45 2.90 5.41 11.38
CA VAL B 45 1.50 5.61 11.72
C VAL B 45 1.02 4.49 12.63
N ASN B 46 1.47 3.27 12.34
CA ASN B 46 1.06 2.14 13.13
C ASN B 46 1.78 2.16 14.47
N HIS B 47 2.87 2.93 14.54
CA HIS B 47 3.63 3.02 15.77
C HIS B 47 3.12 4.12 16.67
N ARG B 48 2.96 5.30 16.10
CA ARG B 48 2.52 6.45 16.85
C ARG B 48 1.02 6.47 17.10
N TYR B 49 0.26 5.88 16.19
CA TYR B 49 -1.19 5.86 16.30
C TYR B 49 -1.83 4.49 16.14
N GLY B 50 -1.02 3.47 15.94
CA GLY B 50 -1.56 2.14 15.74
C GLY B 50 -1.38 1.16 16.89
N GLU B 51 -1.24 -0.11 16.55
CA GLU B 51 -1.06 -1.13 17.57
C GLU B 51 0.14 -2.02 17.32
N LYS B 52 1.13 -1.49 16.61
CA LYS B 52 2.35 -2.23 16.32
C LYS B 52 3.57 -1.31 16.39
N PRO B 53 4.39 -1.44 17.45
CA PRO B 53 5.59 -0.61 17.60
C PRO B 53 6.70 -0.96 16.60
N LYS B 54 7.42 0.06 16.14
CA LYS B 54 8.51 -0.12 15.17
C LYS B 54 9.83 -0.52 15.82
N LYS B 55 10.71 -1.17 15.04
CA LYS B 55 12.00 -1.61 15.54
C LYS B 55 13.14 -0.69 15.07
N ALA B 56 14.38 -1.20 15.17
CA ALA B 56 15.59 -0.48 14.75
C ALA B 56 15.56 1.03 14.99
N LYS B 61 13.15 8.80 13.54
CA LYS B 61 12.32 9.00 12.35
C LYS B 61 11.09 9.84 12.65
N SER B 62 11.08 11.08 12.15
CA SER B 62 9.95 11.96 12.40
C SER B 62 8.75 11.66 11.50
N GLU B 64 6.73 13.79 10.46
CA GLU B 64 6.80 14.83 9.46
C GLU B 64 7.72 14.46 8.29
N GLU B 65 8.83 13.79 8.58
CA GLU B 65 9.76 13.39 7.54
C GLU B 65 9.19 12.30 6.63
N GLU B 66 8.56 11.28 7.22
CA GLU B 66 7.98 10.19 6.45
C GLU B 66 6.93 10.70 5.44
N ILE B 67 6.18 11.73 5.81
CA ILE B 67 5.17 12.28 4.90
C ILE B 67 5.91 12.98 3.77
N GLY B 68 7.00 13.66 4.13
CA GLY B 68 7.80 14.35 3.15
C GLY B 68 8.43 13.43 2.11
N ASP B 69 8.82 12.23 2.53
CA ASP B 69 9.41 11.30 1.60
C ASP B 69 8.39 10.94 0.52
N VAL B 70 7.13 10.80 0.94
CA VAL B 70 6.06 10.46 0.02
C VAL B 70 5.73 11.64 -0.89
N LEU B 71 5.69 12.84 -0.31
CA LEU B 71 5.41 14.04 -1.09
C LEU B 71 6.48 14.21 -2.18
N PHE B 72 7.72 13.86 -1.84
CA PHE B 72 8.84 14.00 -2.79
C PHE B 72 8.64 13.11 -4.01
N VAL B 73 8.49 11.81 -3.76
CA VAL B 73 8.29 10.82 -4.81
C VAL B 73 7.03 11.14 -5.62
N LEU B 74 6.00 11.58 -4.93
CA LEU B 74 4.73 11.93 -5.58
C LEU B 74 5.05 13.05 -6.56
N VAL B 75 5.79 14.06 -6.11
CA VAL B 75 6.16 15.16 -6.96
C VAL B 75 7.03 14.68 -8.12
N CYS B 76 8.04 13.87 -7.82
CA CYS B 76 8.89 13.38 -8.89
C CYS B 76 8.06 12.77 -10.03
N LEU B 77 7.14 11.88 -9.69
CA LEU B 77 6.31 11.25 -10.72
C LEU B 77 5.51 12.32 -11.45
N ALA B 78 4.87 13.21 -10.70
CA ALA B 78 4.08 14.29 -11.30
C ALA B 78 4.89 15.07 -12.35
N ASN B 79 6.15 15.37 -12.04
CA ASN B 79 7.04 16.11 -12.92
C ASN B 79 7.43 15.30 -14.17
N SER B 80 7.90 14.07 -13.95
CA SER B 80 8.31 13.20 -15.04
C SER B 80 7.19 13.10 -16.07
N LEU B 81 5.95 13.06 -15.61
CA LEU B 81 4.82 12.96 -16.51
C LEU B 81 4.23 14.32 -16.87
N ASP B 82 5.05 15.36 -16.78
CA ASP B 82 4.61 16.73 -17.08
C ASP B 82 3.24 17.01 -16.51
N ILE B 83 3.11 16.95 -15.19
CA ILE B 83 1.84 17.21 -14.56
C ILE B 83 1.89 18.32 -13.50
N SER B 84 0.90 19.19 -13.55
CA SER B 84 0.80 20.29 -12.60
C SER B 84 0.07 19.76 -11.39
N LEU B 85 0.81 19.61 -10.29
CA LEU B 85 0.20 19.12 -9.05
C LEU B 85 -0.90 20.09 -8.62
N GLU B 86 -0.68 21.39 -8.83
CA GLU B 86 -1.67 22.38 -8.46
C GLU B 86 -2.93 22.18 -9.30
N GLU B 87 -2.75 22.01 -10.60
CA GLU B 87 -3.88 21.78 -11.48
C GLU B 87 -4.58 20.50 -11.07
N ALA B 88 -3.79 19.46 -10.83
CA ALA B 88 -4.32 18.17 -10.42
C ALA B 88 -5.22 18.39 -9.21
N HIS B 89 -4.74 19.19 -8.27
CA HIS B 89 -5.46 19.51 -7.06
C HIS B 89 -6.85 20.10 -7.34
N ASP B 90 -6.87 21.23 -8.05
CA ASP B 90 -8.11 21.91 -8.34
C ASP B 90 -9.11 21.06 -9.12
N ARG B 91 -8.58 20.11 -9.89
CA ARG B 91 -9.43 19.22 -10.65
C ARG B 91 -10.15 18.39 -9.59
N VAL B 92 -9.38 17.89 -8.62
CA VAL B 92 -9.91 17.09 -7.54
C VAL B 92 -10.93 17.91 -6.74
N HIS B 94 -12.60 20.28 -7.58
CA HIS B 94 -13.74 20.62 -8.43
C HIS B 94 -14.76 19.49 -8.42
N LYS B 95 -14.27 18.25 -8.46
CA LYS B 95 -15.15 17.10 -8.45
C LYS B 95 -15.94 17.08 -7.16
N PHE B 96 -15.28 17.39 -6.05
CA PHE B 96 -15.94 17.40 -4.74
C PHE B 96 -17.01 18.49 -4.59
N ASN B 97 -16.80 19.64 -5.25
CA ASN B 97 -17.74 20.76 -5.16
C ASN B 97 -18.74 20.91 -6.31
N THR B 98 -18.34 20.49 -7.52
CA THR B 98 -19.21 20.61 -8.69
C THR B 98 -20.22 19.47 -8.82
N ARG B 99 -21.28 19.74 -9.59
CA ARG B 99 -22.37 18.78 -9.83
C ARG B 99 -23.07 18.34 -8.54
N ASP B 100 -23.05 19.24 -7.56
CA ASP B 100 -23.65 19.00 -6.26
C ASP B 100 -22.87 17.91 -5.52
N SER C 2 -3.82 34.97 -9.31
CA SER C 2 -3.95 34.15 -8.07
C SER C 2 -3.24 32.80 -8.19
N ASP C 3 -2.01 32.72 -7.67
CA ASP C 3 -1.23 31.47 -7.71
C ASP C 3 -1.12 30.83 -6.31
N LYS C 4 -1.45 29.55 -6.20
CA LYS C 4 -1.45 28.83 -4.92
C LYS C 4 -0.16 28.44 -4.22
N THR C 5 -0.12 28.72 -2.91
CA THR C 5 0.99 28.41 -2.01
C THR C 5 0.63 27.09 -1.35
N LYS C 7 0.62 26.11 1.75
CA LYS C 7 -0.26 26.30 2.91
C LYS C 7 -1.69 26.50 2.45
N ASP C 8 -1.86 27.40 1.50
CA ASP C 8 -3.18 27.71 0.96
C ASP C 8 -3.90 26.42 0.54
N ILE C 9 -3.19 25.58 -0.21
CA ILE C 9 -3.78 24.32 -0.65
C ILE C 9 -4.25 23.54 0.58
N GLN C 10 -3.39 23.43 1.58
CA GLN C 10 -3.75 22.69 2.79
C GLN C 10 -5.01 23.30 3.39
N ALA C 11 -5.03 24.62 3.48
CA ALA C 11 -6.16 25.34 4.05
C ALA C 11 -7.45 25.07 3.27
N GLU C 12 -7.35 25.11 1.95
CA GLU C 12 -8.50 24.87 1.09
C GLU C 12 -9.10 23.49 1.39
N VAL C 13 -8.24 22.50 1.53
CA VAL C 13 -8.66 21.15 1.82
C VAL C 13 -9.28 21.09 3.21
N ASP C 14 -8.69 21.83 4.13
CA ASP C 14 -9.19 21.84 5.49
C ASP C 14 -10.61 22.36 5.51
N ARG C 15 -10.89 23.35 4.68
CA ARG C 15 -12.21 23.94 4.61
C ARG C 15 -13.24 22.95 4.08
N TYR C 16 -12.83 22.08 3.15
CA TYR C 16 -13.76 21.09 2.60
C TYR C 16 -14.12 20.08 3.70
N ILE C 17 -13.10 19.44 4.25
CA ILE C 17 -13.30 18.46 5.31
C ILE C 17 -14.05 19.10 6.49
N GLY C 18 -13.79 20.39 6.69
CA GLY C 18 -14.41 21.10 7.80
C GLY C 18 -15.91 21.26 7.68
N GLN C 19 -16.42 21.11 6.47
CA GLN C 19 -17.86 21.26 6.23
C GLN C 19 -18.71 20.20 6.92
N PHE C 20 -18.15 19.01 7.12
CA PHE C 20 -18.90 17.92 7.72
C PHE C 20 -18.49 17.59 9.15
N LYS C 21 -19.39 16.90 9.88
CA LYS C 21 -19.17 16.53 11.27
C LYS C 21 -18.00 15.56 11.52
N GLU C 22 -17.93 14.51 10.70
CA GLU C 22 -16.89 13.48 10.81
C GLU C 22 -15.45 13.99 10.86
N GLY C 23 -15.16 15.04 10.09
CA GLY C 23 -13.82 15.59 10.07
C GLY C 23 -12.84 14.64 9.43
N TYR C 24 -11.58 14.75 9.81
CA TYR C 24 -10.55 13.87 9.25
C TYR C 24 -10.66 12.47 9.82
N PHE C 25 -10.25 11.48 9.03
CA PHE C 25 -10.30 10.09 9.44
C PHE C 25 -9.17 9.95 10.44
N SER C 26 -9.28 8.98 11.34
CA SER C 26 -8.20 8.76 12.31
C SER C 26 -7.01 8.27 11.48
N PRO C 27 -5.78 8.44 11.99
CA PRO C 27 -4.59 8.01 11.27
C PRO C 27 -4.62 6.65 10.55
N LEU C 28 -5.07 5.60 11.22
CA LEU C 28 -5.12 4.29 10.57
C LEU C 28 -6.16 4.20 9.45
N ALA C 29 -7.24 4.96 9.57
CA ALA C 29 -8.28 4.95 8.54
C ALA C 29 -7.77 5.79 7.36
N ALA C 32 -5.36 3.95 5.30
CA ALA C 32 -6.02 3.06 4.36
C ALA C 32 -6.61 3.82 3.17
N ARG C 33 -6.91 5.12 3.35
CA ARG C 33 -7.44 5.92 2.25
C ARG C 33 -6.33 6.07 1.21
N LEU C 34 -5.13 6.39 1.70
CA LEU C 34 -3.96 6.54 0.86
C LEU C 34 -3.74 5.25 0.07
N THR C 35 -3.64 4.14 0.79
CA THR C 35 -3.46 2.84 0.16
C THR C 35 -4.53 2.58 -0.89
N GLU C 36 -5.75 3.05 -0.63
CA GLU C 36 -6.84 2.88 -1.60
C GLU C 36 -6.54 3.67 -2.85
N GLU C 37 -6.25 4.97 -2.68
CA GLU C 37 -5.94 5.84 -3.82
C GLU C 37 -4.61 5.50 -4.49
N LEU C 38 -3.76 4.74 -3.80
CA LEU C 38 -2.49 4.34 -4.36
C LEU C 38 -2.74 3.22 -5.35
N GLY C 39 -3.68 2.35 -5.00
CA GLY C 39 -4.00 1.25 -5.88
C GLY C 39 -4.48 1.78 -7.21
N GLU C 40 -5.43 2.70 -7.16
CA GLU C 40 -5.99 3.28 -8.37
C GLU C 40 -4.92 3.97 -9.21
N LEU C 41 -4.00 4.68 -8.57
CA LEU C 41 -2.94 5.35 -9.32
C LEU C 41 -2.06 4.28 -9.94
N ALA C 42 -1.78 3.24 -9.17
CA ALA C 42 -0.97 2.13 -9.65
C ALA C 42 -1.61 1.51 -10.88
N ARG C 43 -2.93 1.34 -10.87
CA ARG C 43 -3.63 0.75 -12.02
C ARG C 43 -3.39 1.55 -13.30
N GLU C 44 -3.52 2.87 -13.22
CA GLU C 44 -3.33 3.72 -14.39
C GLU C 44 -1.89 3.65 -14.92
N VAL C 45 -0.92 3.79 -14.03
CA VAL C 45 0.47 3.74 -14.42
C VAL C 45 0.85 2.41 -15.06
N ASN C 46 0.10 1.36 -14.76
CA ASN C 46 0.37 0.04 -15.34
C ASN C 46 -0.28 0.03 -16.71
N HIS C 47 -1.52 0.45 -16.71
CA HIS C 47 -2.37 0.52 -17.88
C HIS C 47 -1.81 1.43 -18.96
N ARG C 48 -0.89 2.29 -18.57
CA ARG C 48 -0.33 3.26 -19.51
C ARG C 48 1.17 3.20 -19.72
N TYR C 49 1.89 2.46 -18.89
CA TYR C 49 3.34 2.37 -19.02
C TYR C 49 3.90 1.02 -18.55
N SER C 62 -7.84 10.09 -16.15
CA SER C 62 -6.86 11.16 -16.08
C SER C 62 -5.77 10.85 -15.05
N GLU C 64 -3.83 12.95 -14.07
CA GLU C 64 -3.90 14.15 -13.24
C GLU C 64 -4.95 13.96 -12.14
N GLU C 65 -5.98 13.15 -12.41
CA GLU C 65 -7.03 12.87 -11.44
C GLU C 65 -6.56 11.87 -10.37
N GLU C 66 -6.04 10.74 -10.81
CA GLU C 66 -5.56 9.72 -9.88
C GLU C 66 -4.36 10.20 -9.06
N ILE C 67 -3.66 11.23 -9.52
CA ILE C 67 -2.53 11.73 -8.76
C ILE C 67 -3.02 12.79 -7.81
N GLY C 68 -4.07 13.49 -8.22
CA GLY C 68 -4.63 14.50 -7.37
C GLY C 68 -5.25 13.86 -6.14
N ASP C 69 -5.81 12.67 -6.32
CA ASP C 69 -6.44 11.96 -5.21
C ASP C 69 -5.43 11.60 -4.13
N VAL C 70 -4.29 11.06 -4.54
CA VAL C 70 -3.25 10.66 -3.60
C VAL C 70 -2.68 11.89 -2.91
N LEU C 71 -2.70 13.01 -3.62
CA LEU C 71 -2.20 14.26 -3.09
C LEU C 71 -3.23 14.79 -2.09
N PHE C 72 -4.52 14.62 -2.41
CA PHE C 72 -5.59 15.09 -1.51
C PHE C 72 -5.49 14.37 -0.16
N VAL C 73 -5.64 13.06 -0.17
CA VAL C 73 -5.55 12.26 1.03
C VAL C 73 -4.27 12.58 1.81
N LEU C 74 -3.14 12.65 1.11
CA LEU C 74 -1.88 12.97 1.79
C LEU C 74 -1.98 14.30 2.53
N VAL C 75 -2.65 15.29 1.93
CA VAL C 75 -2.81 16.58 2.58
C VAL C 75 -3.71 16.46 3.81
N CYS C 76 -4.79 15.69 3.68
CA CYS C 76 -5.72 15.45 4.77
C CYS C 76 -4.97 14.91 5.96
N LEU C 77 -4.18 13.87 5.74
CA LEU C 77 -3.41 13.28 6.83
C LEU C 77 -2.59 14.34 7.52
N ALA C 78 -1.88 15.14 6.72
CA ALA C 78 -1.04 16.18 7.27
C ALA C 78 -1.87 17.16 8.10
N ASN C 79 -2.98 17.64 7.54
CA ASN C 79 -3.83 18.58 8.26
C ASN C 79 -4.29 18.01 9.58
N SER C 80 -4.70 16.75 9.58
CA SER C 80 -5.19 16.11 10.80
C SER C 80 -4.12 15.93 11.88
N LEU C 81 -2.86 16.09 11.48
CA LEU C 81 -1.73 15.94 12.41
C LEU C 81 -0.89 17.21 12.50
N ASP C 82 -1.43 18.33 12.03
CA ASP C 82 -0.72 19.59 12.11
C ASP C 82 0.67 19.59 11.48
N ILE C 83 0.85 18.78 10.46
CA ILE C 83 2.12 18.72 9.77
C ILE C 83 2.05 19.73 8.64
N SER C 84 3.07 20.58 8.52
CA SER C 84 3.09 21.54 7.44
C SER C 84 3.80 20.79 6.31
N LEU C 85 3.16 20.68 5.16
CA LEU C 85 3.79 19.99 4.07
C LEU C 85 5.05 20.74 3.60
N GLU C 86 5.02 22.07 3.71
CA GLU C 86 6.14 22.91 3.28
C GLU C 86 7.37 22.60 4.11
N GLU C 87 7.21 22.63 5.42
CA GLU C 87 8.32 22.34 6.31
C GLU C 87 8.79 20.91 6.06
N ALA C 88 7.84 20.01 5.78
CA ALA C 88 8.15 18.62 5.51
C ALA C 88 9.00 18.52 4.24
N HIS C 89 8.55 19.20 3.20
CA HIS C 89 9.24 19.22 1.93
C HIS C 89 10.63 19.83 2.06
N ASP C 90 10.82 20.72 3.03
CA ASP C 90 12.11 21.34 3.24
C ASP C 90 13.03 20.37 3.98
N ARG C 91 12.51 19.68 4.98
CA ARG C 91 13.34 18.73 5.72
C ARG C 91 13.82 17.65 4.76
N VAL C 92 12.92 17.20 3.90
CA VAL C 92 13.28 16.15 2.95
C VAL C 92 14.24 16.67 1.88
N HIS C 94 16.44 19.21 2.38
CA HIS C 94 17.69 19.45 3.11
C HIS C 94 18.47 18.14 3.22
N LYS C 95 17.77 17.05 3.51
CA LYS C 95 18.42 15.75 3.62
C LYS C 95 19.16 15.40 2.33
N PHE C 96 18.49 15.57 1.19
CA PHE C 96 19.09 15.27 -0.11
C PHE C 96 20.31 16.13 -0.36
N ASN C 97 20.24 17.41 0.04
CA ASN C 97 21.37 18.32 -0.14
C ASN C 97 22.54 17.95 0.78
N THR C 98 22.31 18.04 2.09
CA THR C 98 23.37 17.70 3.05
C THR C 98 23.77 16.24 2.86
N ARG C 99 24.88 16.03 2.16
CA ARG C 99 25.38 14.69 1.88
C ARG C 99 24.37 13.93 1.00
N SER D 2 3.25 -34.63 3.32
CA SER D 2 4.60 -34.06 2.99
C SER D 2 4.53 -32.57 2.69
N ASP D 3 3.54 -32.16 1.89
CA ASP D 3 3.35 -30.75 1.54
C ASP D 3 2.17 -30.18 2.33
N LYS D 4 2.44 -29.09 3.05
CA LYS D 4 1.44 -28.41 3.88
C LYS D 4 0.15 -28.03 3.19
N THR D 5 -0.96 -28.33 3.84
CA THR D 5 -2.30 -27.99 3.32
C THR D 5 -2.44 -26.52 3.67
N LYS D 7 -4.84 -24.89 4.75
CA LYS D 7 -5.53 -24.81 6.04
C LYS D 7 -4.59 -24.94 7.24
N ASP D 8 -3.47 -25.64 7.05
CA ASP D 8 -2.49 -25.85 8.11
C ASP D 8 -1.58 -24.65 8.30
N ILE D 9 -1.26 -23.96 7.21
CA ILE D 9 -0.41 -22.79 7.30
C ILE D 9 -1.19 -21.80 8.12
N GLN D 10 -2.50 -21.83 7.96
CA GLN D 10 -3.35 -20.91 8.70
C GLN D 10 -3.27 -21.34 10.16
N ALA D 11 -3.47 -22.63 10.42
CA ALA D 11 -3.42 -23.18 11.77
C ALA D 11 -2.12 -22.84 12.49
N GLU D 12 -1.03 -23.04 11.78
CA GLU D 12 0.29 -22.77 12.31
C GLU D 12 0.36 -21.30 12.75
N VAL D 13 0.08 -20.39 11.82
CA VAL D 13 0.11 -18.98 12.14
C VAL D 13 -0.82 -18.65 13.30
N ASP D 14 -1.93 -19.37 13.46
CA ASP D 14 -2.83 -19.07 14.57
C ASP D 14 -2.25 -19.55 15.88
N ARG D 15 -1.49 -20.63 15.84
CA ARG D 15 -0.87 -21.15 17.05
C ARG D 15 0.05 -20.07 17.57
N TYR D 16 0.89 -19.54 16.69
CA TYR D 16 1.83 -18.48 17.03
C TYR D 16 1.17 -17.24 17.67
N ILE D 17 0.28 -16.58 16.94
CA ILE D 17 -0.41 -15.39 17.43
C ILE D 17 -1.15 -15.68 18.74
N GLY D 18 -1.77 -16.84 18.80
CA GLY D 18 -2.52 -17.21 19.97
C GLY D 18 -1.69 -17.39 21.22
N GLN D 19 -0.38 -17.52 21.05
CA GLN D 19 0.46 -17.70 22.21
C GLN D 19 0.65 -16.43 22.99
N PHE D 20 0.42 -15.28 22.35
CA PHE D 20 0.61 -14.02 23.06
C PHE D 20 -0.66 -13.59 23.80
N LYS D 21 -1.70 -14.40 23.71
CA LYS D 21 -2.96 -14.10 24.38
C LYS D 21 -3.43 -12.67 24.14
N GLU D 22 -3.11 -12.12 22.96
CA GLU D 22 -3.51 -10.75 22.62
C GLU D 22 -4.45 -10.65 21.41
N GLY D 23 -4.80 -11.77 20.80
CA GLY D 23 -5.68 -11.74 19.64
C GLY D 23 -4.92 -11.17 18.45
N TYR D 24 -5.59 -10.98 17.32
CA TYR D 24 -4.91 -10.44 16.14
C TYR D 24 -5.06 -8.93 16.09
N PHE D 25 -4.23 -8.27 15.28
CA PHE D 25 -4.31 -6.82 15.10
C PHE D 25 -5.70 -6.52 14.54
N SER D 26 -6.22 -5.31 14.78
CA SER D 26 -7.52 -4.91 14.25
C SER D 26 -7.39 -4.75 12.73
N PRO D 27 -8.49 -4.91 11.96
CA PRO D 27 -8.39 -4.78 10.50
C PRO D 27 -7.63 -3.59 9.95
N LEU D 28 -7.93 -2.38 10.44
CA LEU D 28 -7.21 -1.21 9.93
C LEU D 28 -5.72 -1.30 10.26
N ALA D 29 -5.38 -1.80 11.44
CA ALA D 29 -3.97 -1.91 11.81
C ALA D 29 -3.29 -2.95 10.90
N ALA D 32 -2.25 -1.60 7.63
CA ALA D 32 -1.04 -0.81 7.73
C ALA D 32 0.12 -1.81 7.64
N ARG D 33 -0.03 -2.93 8.33
CA ARG D 33 1.00 -3.96 8.33
C ARG D 33 1.24 -4.43 6.89
N LEU D 34 0.16 -4.67 6.16
CA LEU D 34 0.29 -5.09 4.78
C LEU D 34 1.00 -4.02 3.97
N THR D 35 0.51 -2.78 4.02
CA THR D 35 1.16 -1.73 3.25
C THR D 35 2.64 -1.65 3.61
N GLU D 36 2.94 -1.88 4.87
CA GLU D 36 4.30 -1.84 5.36
C GLU D 36 5.17 -2.87 4.64
N GLU D 37 4.86 -4.14 4.85
CA GLU D 37 5.64 -5.21 4.24
C GLU D 37 5.61 -5.16 2.73
N LEU D 38 4.51 -4.66 2.19
CA LEU D 38 4.37 -4.55 0.73
C LEU D 38 5.33 -3.47 0.24
N GLY D 39 5.69 -2.57 1.16
CA GLY D 39 6.61 -1.50 0.83
C GLY D 39 8.04 -2.00 0.86
N GLU D 40 8.30 -2.97 1.76
CA GLU D 40 9.64 -3.55 1.89
C GLU D 40 9.85 -4.50 0.72
N LEU D 41 8.80 -5.19 0.34
CA LEU D 41 8.86 -6.12 -0.78
C LEU D 41 9.03 -5.28 -2.04
N ALA D 42 8.32 -4.16 -2.09
CA ALA D 42 8.40 -3.26 -3.24
C ALA D 42 9.81 -2.67 -3.38
N ARG D 43 10.54 -2.61 -2.28
CA ARG D 43 11.89 -2.06 -2.33
C ARG D 43 12.82 -3.07 -2.98
N GLU D 44 12.80 -4.29 -2.46
CA GLU D 44 13.65 -5.34 -3.00
C GLU D 44 13.43 -5.66 -4.47
N VAL D 45 12.20 -5.59 -4.92
CA VAL D 45 11.89 -5.88 -6.31
C VAL D 45 12.48 -4.81 -7.24
N ASN D 46 12.53 -3.58 -6.77
CA ASN D 46 13.07 -2.50 -7.59
C ASN D 46 14.58 -2.58 -7.52
N HIS D 47 15.05 -3.15 -6.42
CA HIS D 47 16.48 -3.33 -6.18
C HIS D 47 16.99 -4.35 -7.17
N ARG D 48 16.36 -5.52 -7.19
CA ARG D 48 16.79 -6.61 -8.06
C ARG D 48 16.25 -6.65 -9.47
N TYR D 49 15.29 -5.78 -9.81
CA TYR D 49 14.75 -5.79 -11.16
C TYR D 49 14.44 -4.39 -11.69
N GLY D 50 15.05 -3.37 -11.09
CA GLY D 50 14.81 -1.99 -11.53
C GLY D 50 16.04 -1.10 -11.56
N GLU D 51 17.22 -1.72 -11.73
CA GLU D 51 18.51 -1.01 -11.78
C GLU D 51 19.64 -1.97 -12.15
N LYS D 61 18.73 -14.91 0.23
CA LYS D 61 17.35 -15.33 0.07
C LYS D 61 16.41 -14.20 0.50
N SER D 62 16.75 -12.97 0.11
CA SER D 62 15.95 -11.81 0.47
C SER D 62 14.57 -11.81 -0.18
N GLU D 64 12.71 -14.15 -1.22
CA GLU D 64 11.86 -15.17 -0.61
C GLU D 64 11.32 -14.72 0.74
N GLU D 65 12.16 -14.07 1.53
CA GLU D 65 11.72 -13.62 2.84
C GLU D 65 10.81 -12.40 2.75
N GLU D 66 11.12 -11.47 1.85
CA GLU D 66 10.26 -10.30 1.73
C GLU D 66 8.88 -10.72 1.21
N ILE D 67 8.81 -11.90 0.59
CA ILE D 67 7.56 -12.42 0.07
C ILE D 67 6.81 -13.10 1.20
N GLY D 68 7.52 -13.90 1.98
CA GLY D 68 6.89 -14.59 3.09
C GLY D 68 6.30 -13.61 4.08
N ASP D 69 6.99 -12.48 4.28
CA ASP D 69 6.52 -11.45 5.20
C ASP D 69 5.13 -10.95 4.81
N VAL D 70 4.91 -10.77 3.52
CA VAL D 70 3.60 -10.30 3.09
C VAL D 70 2.60 -11.43 3.28
N LEU D 71 2.98 -12.64 2.88
CA LEU D 71 2.12 -13.82 2.98
C LEU D 71 1.70 -14.02 4.44
N PHE D 72 2.60 -13.74 5.36
CA PHE D 72 2.29 -13.88 6.79
C PHE D 72 1.13 -12.98 7.17
N VAL D 73 1.30 -11.68 6.91
CA VAL D 73 0.28 -10.70 7.21
C VAL D 73 -1.03 -11.08 6.55
N LEU D 74 -0.93 -11.54 5.32
CA LEU D 74 -2.12 -11.92 4.56
C LEU D 74 -2.86 -13.10 5.21
N VAL D 75 -2.10 -14.01 5.83
CA VAL D 75 -2.69 -15.15 6.51
C VAL D 75 -3.30 -14.65 7.82
N CYS D 76 -2.59 -13.75 8.49
CA CYS D 76 -3.07 -13.18 9.76
C CYS D 76 -4.42 -12.54 9.57
N LEU D 77 -4.50 -11.68 8.55
CA LEU D 77 -5.73 -10.99 8.25
C LEU D 77 -6.82 -12.01 7.92
N ALA D 78 -6.44 -13.09 7.26
CA ALA D 78 -7.41 -14.10 6.89
C ALA D 78 -7.96 -14.75 8.16
N ASN D 79 -7.09 -15.19 9.07
CA ASN D 79 -7.52 -15.82 10.30
C ASN D 79 -8.27 -14.82 11.17
N SER D 80 -7.83 -13.57 11.17
CA SER D 80 -8.44 -12.54 11.99
C SER D 80 -9.91 -12.34 11.67
N LEU D 81 -10.31 -12.66 10.44
CA LEU D 81 -11.70 -12.51 10.00
C LEU D 81 -12.33 -13.89 9.74
N ASP D 82 -11.70 -14.91 10.30
CA ASP D 82 -12.15 -16.27 10.15
C ASP D 82 -12.49 -16.63 8.70
N ILE D 83 -11.54 -16.38 7.79
CA ILE D 83 -11.72 -16.67 6.38
C ILE D 83 -10.76 -17.75 5.92
N SER D 84 -11.25 -18.67 5.09
CA SER D 84 -10.38 -19.73 4.59
C SER D 84 -9.65 -19.22 3.38
N LEU D 85 -8.33 -19.15 3.47
CA LEU D 85 -7.56 -18.67 2.35
C LEU D 85 -7.78 -19.58 1.14
N GLU D 86 -7.99 -20.87 1.40
CA GLU D 86 -8.23 -21.85 0.34
C GLU D 86 -9.52 -21.51 -0.40
N GLU D 87 -10.61 -21.45 0.36
CA GLU D 87 -11.92 -21.14 -0.17
C GLU D 87 -11.91 -19.80 -0.92
N ALA D 88 -11.10 -18.84 -0.46
CA ALA D 88 -10.98 -17.53 -1.10
C ALA D 88 -10.24 -17.68 -2.43
N HIS D 89 -9.27 -18.58 -2.46
CA HIS D 89 -8.52 -18.82 -3.66
C HIS D 89 -9.43 -19.48 -4.71
N ASP D 90 -10.28 -20.41 -4.27
CA ASP D 90 -11.19 -21.07 -5.19
C ASP D 90 -12.07 -20.02 -5.84
N ARG D 91 -12.59 -19.12 -5.02
CA ARG D 91 -13.45 -18.04 -5.50
C ARG D 91 -12.82 -17.34 -6.69
N VAL D 92 -11.67 -16.74 -6.44
CA VAL D 92 -10.93 -16.01 -7.46
C VAL D 92 -10.67 -16.81 -8.71
N HIS D 94 -12.37 -19.40 -9.82
CA HIS D 94 -13.64 -19.62 -10.50
C HIS D 94 -13.92 -18.48 -11.48
N LYS D 95 -13.73 -17.26 -11.01
CA LYS D 95 -13.99 -16.06 -11.80
C LYS D 95 -13.10 -15.97 -13.04
N PHE D 96 -11.80 -16.10 -12.85
CA PHE D 96 -10.86 -16.04 -13.96
C PHE D 96 -11.14 -17.06 -15.05
N ASN D 97 -11.61 -18.25 -14.66
CA ASN D 97 -11.89 -19.28 -15.64
C ASN D 97 -13.10 -18.97 -16.51
N THR D 98 -14.11 -18.32 -15.93
CA THR D 98 -15.32 -17.98 -16.67
C THR D 98 -15.08 -16.87 -17.70
N ARG D 106 0.13 1.66 26.40
CA ARG D 106 -0.28 1.83 25.02
C ARG D 106 -1.25 0.73 24.61
N LYS D 107 -2.02 0.99 23.55
CA LYS D 107 -3.00 0.05 23.02
C LYS D 107 -2.30 -0.92 22.07
N GLU D 108 -0.98 -0.77 21.93
CA GLU D 108 -0.23 -1.61 21.02
C GLU D 108 0.44 -2.85 21.61
N GLU D 109 -0.18 -3.98 21.31
CA GLU D 109 0.26 -5.30 21.74
C GLU D 109 1.27 -5.85 20.74
N GLY D 110 1.85 -4.93 19.98
CA GLY D 110 2.81 -5.28 18.94
C GLY D 110 3.89 -6.26 19.36
N LYS D 111 3.94 -6.53 20.66
CA LYS D 111 4.91 -7.46 21.22
C LYS D 111 4.64 -8.81 20.57
N LEU D 112 3.50 -8.85 19.90
CA LEU D 112 2.98 -10.02 19.23
C LEU D 112 3.47 -10.47 17.86
N GLU D 113 4.19 -9.65 17.09
CA GLU D 113 4.50 -10.15 15.74
C GLU D 113 5.92 -10.31 15.17
N HIS D 114 6.61 -9.22 14.91
CA HIS D 114 7.98 -9.24 14.34
C HIS D 114 8.87 -10.43 14.74
#